data_4XYH
#
_entry.id   4XYH
#
_cell.length_a   134.342
_cell.length_b   134.342
_cell.length_c   72.133
_cell.angle_alpha   90.00
_cell.angle_beta   90.00
_cell.angle_gamma   120.00
#
_symmetry.space_group_name_H-M   'P 65'
#
loop_
_entity.id
_entity.type
_entity.pdbx_description
1 polymer 'Kinetochore protein Mis16'
2 water water
#
_entity_poly.entity_id   1
_entity_poly.type   'polypeptide(L)'
_entity_poly.pdbx_seq_one_letter_code
;SNAMQPSENVEEEKQELSEVDLEKKIQEEYKLWKQNVPFLYDLVITEALEWPSLTVEWFPGSERSLADNSSIQKLLLGTQ
TSGNDQNYLQVASVQLPTFDDDLDDLTPSKMKPANFKGDYGLDIVQKIHHEGDVNKARFMPQNPDIIATLGLNGNGYIFD
LNLYREQPIVQTGHQACLRHHTSEGFGLGWNFIQEGTLATGTEDTSICVWDIKGKSLSLEKSIDVAPVSVYHRHTAVVND
LQFHLQHEALLTSVSDDCTLQIHDTRLPSSSSASQCVKAHEQPVNGVAFNPFNDYLLATASADHTVALWDLRRLNQRLHT
LEGHEDEVYNVQWSPHDEPILVTSSTDRRVCVWDLSKIGEEQTVEDSEDGAPELMFMHGGHTNRVSDLSWNPNNKWVLAS
LADDNILQIWSPSKVIWASDSLKIDSKDLE
;
_entity_poly.pdbx_strand_id   A
#
# COMPACT_ATOMS: atom_id res chain seq x y z
N LEU A 17 10.38 -29.11 -2.10
CA LEU A 17 9.40 -28.17 -1.55
C LEU A 17 9.05 -28.50 -0.10
N SER A 18 10.01 -29.07 0.63
CA SER A 18 9.79 -29.46 2.02
C SER A 18 9.64 -28.24 2.90
N GLU A 19 8.74 -28.30 3.88
CA GLU A 19 8.43 -27.13 4.68
C GLU A 19 9.59 -26.70 5.59
N VAL A 20 10.15 -27.61 6.37
CA VAL A 20 11.19 -27.22 7.32
C VAL A 20 12.51 -26.99 6.59
N ASP A 21 12.60 -27.50 5.37
CA ASP A 21 13.78 -27.31 4.54
C ASP A 21 13.74 -25.99 3.77
N LEU A 22 12.54 -25.59 3.33
CA LEU A 22 12.35 -24.27 2.73
C LEU A 22 12.73 -23.19 3.73
N GLU A 23 12.30 -23.38 4.98
CA GLU A 23 12.69 -22.51 6.07
C GLU A 23 14.20 -22.50 6.27
N LYS A 24 14.83 -23.65 6.05
CA LYS A 24 16.28 -23.77 6.16
C LYS A 24 16.95 -22.91 5.08
N LYS A 25 16.47 -23.05 3.85
CA LYS A 25 16.92 -22.21 2.74
C LYS A 25 16.73 -20.71 3.02
N ILE A 26 15.55 -20.35 3.52
CA ILE A 26 15.24 -18.95 3.83
C ILE A 26 16.22 -18.37 4.84
N GLN A 27 16.56 -19.15 5.85
CA GLN A 27 17.43 -18.67 6.91
C GLN A 27 18.89 -18.57 6.43
N GLU A 28 19.28 -19.46 5.53
CA GLU A 28 20.61 -19.39 4.94
C GLU A 28 20.74 -18.15 4.07
N GLU A 29 19.77 -17.95 3.17
CA GLU A 29 19.80 -16.82 2.26
C GLU A 29 19.72 -15.50 3.01
N TYR A 30 19.01 -15.49 4.12
CA TYR A 30 18.86 -14.26 4.88
C TYR A 30 20.20 -13.93 5.53
N LYS A 31 20.89 -14.95 6.02
CA LYS A 31 22.21 -14.76 6.61
C LYS A 31 23.20 -14.16 5.60
N LEU A 32 23.23 -14.76 4.42
CA LEU A 32 24.05 -14.25 3.33
C LEU A 32 23.67 -12.81 2.98
N TRP A 33 22.35 -12.55 2.84
CA TRP A 33 21.87 -11.20 2.56
C TRP A 33 22.40 -10.19 3.60
N LYS A 34 22.44 -10.62 4.85
CA LYS A 34 22.90 -9.76 5.94
C LYS A 34 24.38 -9.42 5.80
N GLN A 35 25.16 -10.36 5.27
CA GLN A 35 26.57 -10.09 5.02
C GLN A 35 26.78 -9.14 3.86
N ASN A 36 25.87 -9.17 2.88
CA ASN A 36 26.02 -8.37 1.68
C ASN A 36 25.45 -6.96 1.77
N VAL A 37 24.76 -6.68 2.86
CA VAL A 37 24.11 -5.38 3.05
C VAL A 37 25.02 -4.16 2.78
N PRO A 38 26.29 -4.20 3.25
CA PRO A 38 27.10 -2.99 2.97
C PRO A 38 27.36 -2.72 1.48
N PHE A 39 27.19 -3.75 0.64
CA PHE A 39 27.33 -3.58 -0.81
C PHE A 39 26.02 -3.18 -1.49
N LEU A 40 24.91 -3.27 -0.79
CA LEU A 40 23.62 -3.07 -1.47
C LEU A 40 22.83 -1.86 -0.94
N TYR A 41 23.10 -1.46 0.29
CA TYR A 41 22.28 -0.47 0.96
C TYR A 41 23.07 0.70 1.52
N ASP A 42 22.46 1.88 1.52
CA ASP A 42 22.96 3.01 2.29
C ASP A 42 22.35 3.05 3.69
N LEU A 43 21.22 2.37 3.87
CA LEU A 43 20.50 2.39 5.14
C LEU A 43 19.63 1.14 5.31
N VAL A 44 19.80 0.43 6.42
CA VAL A 44 18.86 -0.62 6.80
C VAL A 44 18.51 -0.56 8.27
N ILE A 45 17.24 -0.36 8.55
CA ILE A 45 16.69 -0.41 9.91
C ILE A 45 15.70 -1.55 10.01
N THR A 46 15.86 -2.41 11.02
CA THR A 46 14.96 -3.54 11.20
C THR A 46 14.27 -3.45 12.54
N GLU A 47 12.97 -3.59 12.55
CA GLU A 47 12.23 -3.48 13.80
C GLU A 47 11.25 -4.64 13.95
N ALA A 48 11.34 -5.35 15.07
CA ALA A 48 10.41 -6.43 15.38
C ALA A 48 9.22 -5.87 16.12
N LEU A 49 8.03 -6.00 15.54
CA LEU A 49 6.82 -5.44 16.14
C LEU A 49 6.17 -6.43 17.09
N GLU A 50 5.56 -5.93 18.16
CA GLU A 50 4.84 -6.78 19.10
C GLU A 50 3.76 -7.59 18.37
N TRP A 51 2.97 -6.92 17.55
CA TRP A 51 2.03 -7.63 16.67
C TRP A 51 2.38 -7.35 15.23
N PRO A 52 2.03 -8.26 14.33
CA PRO A 52 2.17 -7.90 12.92
C PRO A 52 1.32 -6.67 12.56
N SER A 53 1.83 -5.87 11.63
CA SER A 53 1.04 -4.82 11.02
C SER A 53 0.71 -5.20 9.58
N LEU A 54 -0.53 -4.95 9.16
CA LEU A 54 -0.93 -5.19 7.78
C LEU A 54 -0.73 -3.96 6.90
N THR A 55 -0.41 -2.83 7.54
CA THR A 55 -0.39 -1.56 6.83
C THR A 55 0.77 -0.66 7.26
N VAL A 56 1.28 0.15 6.34
CA VAL A 56 2.31 1.12 6.66
C VAL A 56 2.22 2.28 5.68
N GLU A 57 2.43 3.49 6.20
CA GLU A 57 2.42 4.69 5.38
C GLU A 57 3.30 5.73 6.07
N TRP A 58 4.16 6.37 5.28
CA TRP A 58 4.97 7.50 5.78
C TRP A 58 4.13 8.76 5.88
N PHE A 59 4.24 9.46 7.01
CA PHE A 59 3.68 10.79 7.11
C PHE A 59 4.59 11.81 6.41
N PRO A 60 3.99 12.82 5.77
CA PRO A 60 4.81 13.92 5.22
C PRO A 60 5.46 14.73 6.34
N GLY A 61 6.67 15.22 6.10
CA GLY A 61 7.31 16.12 7.06
C GLY A 61 8.39 15.52 7.91
N SER A 62 9.18 16.37 8.57
CA SER A 62 10.24 15.92 9.47
C SER A 62 10.58 16.99 10.50
N GLU A 63 11.17 16.56 11.62
CA GLU A 63 11.66 17.47 12.66
C GLU A 63 13.17 17.43 12.70
N ASP A 68 22.11 16.88 13.99
CA ASP A 68 23.21 15.98 13.69
C ASP A 68 23.04 15.30 12.34
N ASN A 69 22.73 16.09 11.32
CA ASN A 69 22.50 15.61 9.96
C ASN A 69 21.39 14.55 9.88
N SER A 70 20.57 14.48 10.93
CA SER A 70 19.51 13.50 11.03
C SER A 70 18.16 14.18 11.17
N SER A 71 17.08 13.42 10.97
CA SER A 71 15.75 13.94 11.22
C SER A 71 14.86 12.86 11.81
N ILE A 72 13.78 13.31 12.45
CA ILE A 72 12.82 12.40 13.02
C ILE A 72 11.56 12.45 12.17
N GLN A 73 11.10 11.28 11.73
CA GLN A 73 9.93 11.22 10.86
C GLN A 73 8.92 10.22 11.41
N LYS A 74 7.73 10.19 10.83
CA LYS A 74 6.65 9.37 11.39
C LYS A 74 6.04 8.42 10.38
N LEU A 75 5.56 7.29 10.90
CA LEU A 75 4.87 6.29 10.10
C LEU A 75 3.54 5.95 10.73
N LEU A 76 2.58 5.66 9.86
CA LEU A 76 1.30 5.18 10.28
C LEU A 76 1.28 3.65 10.17
N LEU A 77 1.01 2.97 11.30
CA LEU A 77 1.02 1.51 11.37
C LEU A 77 -0.26 0.97 11.98
N GLY A 78 -0.38 -0.36 11.98
CA GLY A 78 -1.53 -1.00 12.60
C GLY A 78 -1.16 -2.25 13.38
N THR A 79 -2.16 -2.91 13.94
CA THR A 79 -1.95 -4.22 14.55
C THR A 79 -2.88 -5.25 13.92
N GLN A 80 -2.44 -6.50 14.00
CA GLN A 80 -3.31 -7.61 13.69
C GLN A 80 -3.19 -8.59 14.84
N THR A 81 -4.19 -8.59 15.72
CA THR A 81 -4.20 -9.51 16.87
C THR A 81 -5.08 -10.71 16.58
N SER A 82 -5.89 -10.60 15.53
CA SER A 82 -6.82 -11.65 15.12
C SER A 82 -7.80 -12.05 16.25
N GLY A 83 -8.42 -11.08 16.89
CA GLY A 83 -9.37 -11.36 17.97
C GLY A 83 -8.76 -11.63 19.34
N ASN A 84 -7.45 -11.79 19.38
CA ASN A 84 -6.74 -12.16 20.63
C ASN A 84 -6.50 -11.01 21.62
N ASP A 85 -6.65 -9.77 21.14
CA ASP A 85 -6.37 -8.61 21.99
C ASP A 85 -6.86 -7.31 21.39
N GLN A 86 -6.83 -6.27 22.21
CA GLN A 86 -7.11 -4.92 21.77
C GLN A 86 -6.21 -4.57 20.58
N ASN A 87 -6.81 -4.13 19.47
CA ASN A 87 -6.04 -3.67 18.32
C ASN A 87 -5.75 -2.19 18.44
N TYR A 88 -4.62 -1.75 17.89
CA TYR A 88 -4.37 -0.30 17.86
C TYR A 88 -4.00 0.21 16.50
N LEU A 89 -4.52 1.40 16.20
CA LEU A 89 -3.94 2.25 15.18
C LEU A 89 -2.71 2.90 15.81
N GLN A 90 -1.59 2.93 15.10
CA GLN A 90 -0.32 3.33 15.72
C GLN A 90 0.42 4.36 14.90
N VAL A 91 1.06 5.29 15.61
CA VAL A 91 1.99 6.23 15.00
C VAL A 91 3.38 5.92 15.54
N ALA A 92 4.34 5.73 14.64
CA ALA A 92 5.71 5.47 15.05
C ALA A 92 6.61 6.62 14.61
N SER A 93 7.65 6.89 15.40
CA SER A 93 8.70 7.81 14.96
C SER A 93 9.98 7.06 14.70
N VAL A 94 10.74 7.52 13.73
CA VAL A 94 12.03 6.93 13.45
C VAL A 94 13.03 8.04 13.19
N GLN A 95 14.26 7.82 13.63
CA GLN A 95 15.33 8.74 13.33
C GLN A 95 16.04 8.28 12.06
N LEU A 96 16.05 9.13 11.04
CA LEU A 96 16.76 8.83 9.79
C LEU A 96 17.90 9.81 9.57
N PRO A 97 19.02 9.33 9.03
CA PRO A 97 20.08 10.26 8.61
C PRO A 97 19.74 10.89 7.26
N THR A 98 20.29 12.06 6.96
CA THR A 98 20.11 12.64 5.63
C THR A 98 21.45 13.07 5.03
N LEU A 122 13.49 3.49 15.71
CA LEU A 122 12.04 3.25 15.65
C LEU A 122 11.40 3.04 17.02
N ASP A 123 10.45 3.89 17.38
CA ASP A 123 9.61 3.57 18.53
C ASP A 123 8.16 4.06 18.32
N ILE A 124 7.22 3.40 19.02
CA ILE A 124 5.80 3.71 18.94
C ILE A 124 5.42 4.82 19.90
N VAL A 125 4.98 5.96 19.36
CA VAL A 125 4.69 7.11 20.21
C VAL A 125 3.21 7.29 20.53
N GLN A 126 2.33 6.65 19.77
CA GLN A 126 0.90 6.75 20.06
C GLN A 126 0.14 5.51 19.60
N LYS A 127 -0.76 5.03 20.45
CA LYS A 127 -1.58 3.88 20.12
C LYS A 127 -3.01 4.26 20.38
N ILE A 128 -3.86 4.01 19.41
CA ILE A 128 -5.26 4.37 19.54
C ILE A 128 -6.11 3.12 19.41
N HIS A 129 -7.04 2.92 20.34
CA HIS A 129 -7.95 1.76 20.25
C HIS A 129 -8.64 1.69 18.90
N HIS A 130 -8.59 0.49 18.32
CA HIS A 130 -9.15 0.18 17.01
C HIS A 130 -9.97 -1.11 17.07
N GLU A 131 -11.13 -1.11 16.41
CA GLU A 131 -11.99 -2.30 16.34
C GLU A 131 -11.60 -3.28 15.25
N GLY A 132 -11.11 -4.45 15.64
CA GLY A 132 -10.67 -5.44 14.69
C GLY A 132 -9.29 -5.10 14.19
N ASP A 133 -8.73 -6.02 13.40
CA ASP A 133 -7.42 -5.82 12.77
C ASP A 133 -7.42 -4.52 11.97
N VAL A 134 -6.31 -3.80 11.98
CA VAL A 134 -6.22 -2.66 11.09
C VAL A 134 -5.82 -3.19 9.70
N ASN A 135 -6.79 -3.47 8.86
CA ASN A 135 -6.48 -4.01 7.53
C ASN A 135 -5.72 -3.00 6.67
N LYS A 136 -6.12 -1.73 6.74
CA LYS A 136 -5.43 -0.68 6.02
C LYS A 136 -5.66 0.64 6.72
N ALA A 137 -4.66 1.52 6.70
CA ALA A 137 -4.76 2.84 7.32
C ALA A 137 -4.12 3.90 6.42
N ARG A 138 -4.89 4.90 6.06
CA ARG A 138 -4.41 5.97 5.17
C ARG A 138 -4.78 7.37 5.70
N PHE A 139 -3.83 8.32 5.68
CA PHE A 139 -4.10 9.67 6.19
C PHE A 139 -4.71 10.53 5.07
N MET A 140 -5.61 11.44 5.40
CA MET A 140 -6.20 12.32 4.38
C MET A 140 -5.09 13.24 3.85
N PRO A 141 -4.84 13.24 2.53
CA PRO A 141 -3.70 14.02 2.01
C PRO A 141 -3.80 15.53 2.28
N GLN A 142 -5.00 16.10 2.31
CA GLN A 142 -5.18 17.53 2.57
C GLN A 142 -5.03 17.90 4.04
N ASN A 143 -5.01 16.87 4.89
CA ASN A 143 -4.78 17.04 6.33
C ASN A 143 -4.49 15.71 7.03
N PRO A 144 -3.20 15.36 7.14
CA PRO A 144 -2.72 14.09 7.71
C PRO A 144 -3.17 13.78 9.13
N ASP A 145 -3.81 14.72 9.82
CA ASP A 145 -4.33 14.43 11.16
C ASP A 145 -5.59 13.58 11.07
N ILE A 146 -6.20 13.57 9.89
CA ILE A 146 -7.39 12.76 9.67
C ILE A 146 -7.00 11.40 9.07
N ILE A 147 -7.26 10.31 9.81
CA ILE A 147 -6.91 8.96 9.36
C ILE A 147 -8.18 8.16 9.05
N ALA A 148 -8.20 7.47 7.91
CA ALA A 148 -9.25 6.49 7.63
C ALA A 148 -8.66 5.10 7.76
N THR A 149 -9.45 4.14 8.25
CA THR A 149 -9.00 2.75 8.29
C THR A 149 -10.11 1.82 7.88
N LEU A 150 -9.77 0.57 7.57
CA LEU A 150 -10.74 -0.52 7.39
C LEU A 150 -10.56 -1.54 8.50
N GLY A 151 -11.65 -1.86 9.20
CA GLY A 151 -11.53 -2.72 10.35
C GLY A 151 -12.57 -3.82 10.45
N LEU A 152 -13.04 -4.07 11.67
CA LEU A 152 -13.98 -5.14 11.97
C LEU A 152 -15.14 -5.23 10.99
N ASN A 153 -15.31 -6.41 10.42
CA ASN A 153 -16.40 -6.74 9.48
C ASN A 153 -16.52 -5.83 8.26
N GLY A 154 -15.49 -5.05 7.98
CA GLY A 154 -15.53 -4.13 6.85
C GLY A 154 -16.06 -2.73 7.19
N ASN A 155 -16.34 -2.47 8.48
CA ASN A 155 -16.58 -1.09 8.89
C ASN A 155 -15.38 -0.23 8.50
N GLY A 156 -15.62 0.96 7.98
CA GLY A 156 -14.55 1.96 7.88
C GLY A 156 -14.50 2.73 9.18
N TYR A 157 -13.36 3.34 9.50
CA TYR A 157 -13.26 4.21 10.68
C TYR A 157 -12.52 5.51 10.37
N ILE A 158 -12.90 6.57 11.07
CA ILE A 158 -12.20 7.83 10.97
C ILE A 158 -11.64 8.25 12.33
N PHE A 159 -10.39 8.70 12.33
CA PHE A 159 -9.71 9.18 13.53
C PHE A 159 -9.22 10.60 13.28
N ASP A 160 -9.42 11.49 14.24
CA ASP A 160 -8.86 12.84 14.15
C ASP A 160 -7.74 13.01 15.19
N LEU A 161 -6.47 12.94 14.75
CA LEU A 161 -5.34 12.90 15.70
C LEU A 161 -5.21 14.19 16.49
N ASN A 162 -5.77 15.25 15.95
CA ASN A 162 -5.73 16.56 16.57
C ASN A 162 -6.50 16.66 17.89
N LEU A 163 -7.38 15.70 18.16
CA LEU A 163 -8.17 15.71 19.38
C LEU A 163 -7.40 15.08 20.55
N TYR A 164 -6.23 14.54 20.29
CA TYR A 164 -5.46 13.85 21.32
C TYR A 164 -3.98 13.77 20.96
N ARG A 165 -3.36 14.94 20.79
CA ARG A 165 -1.94 15.04 20.48
C ARG A 165 -1.00 14.46 21.50
N GLU A 166 -1.33 14.58 22.77
CA GLU A 166 -0.35 14.28 23.80
C GLU A 166 -0.48 12.89 24.38
N GLN A 167 -1.68 12.31 24.30
CA GLN A 167 -1.94 11.01 24.89
C GLN A 167 -1.14 9.88 24.22
N PRO A 168 -0.29 9.18 24.99
CA PRO A 168 0.45 8.03 24.45
C PRO A 168 -0.50 6.89 24.06
N ILE A 169 -1.62 6.78 24.78
CA ILE A 169 -2.62 5.76 24.49
C ILE A 169 -3.99 6.40 24.51
N VAL A 170 -4.74 6.15 23.45
CA VAL A 170 -6.05 6.77 23.25
C VAL A 170 -7.18 5.74 23.32
N GLN A 171 -7.83 5.67 24.48
CA GLN A 171 -8.80 4.60 24.75
C GLN A 171 -10.14 4.87 24.06
N THR A 172 -10.43 6.13 23.80
CA THR A 172 -11.69 6.49 23.15
C THR A 172 -11.91 5.80 21.80
N GLY A 173 -10.86 5.63 21.02
CA GLY A 173 -10.99 4.99 19.72
C GLY A 173 -11.40 6.00 18.65
N HIS A 174 -12.20 5.53 17.70
CA HIS A 174 -12.48 6.29 16.47
C HIS A 174 -13.55 7.36 16.68
N GLN A 175 -13.56 8.36 15.80
CA GLN A 175 -14.52 9.45 15.86
C GLN A 175 -15.72 9.27 14.92
N ALA A 176 -15.56 8.44 13.88
CA ALA A 176 -16.67 8.10 12.99
C ALA A 176 -16.54 6.65 12.54
N CYS A 177 -17.68 6.04 12.25
CA CYS A 177 -17.71 4.69 11.70
C CYS A 177 -18.43 4.70 10.36
N LEU A 178 -17.77 4.22 9.32
CA LEU A 178 -18.37 4.13 7.98
C LEU A 178 -19.09 2.79 7.85
N ARG A 179 -20.42 2.82 7.84
CA ARG A 179 -21.19 1.58 8.00
C ARG A 179 -21.96 1.09 6.80
N HIS A 180 -21.28 0.49 5.83
CA HIS A 180 -22.01 -0.24 4.79
C HIS A 180 -21.54 -1.67 4.54
N HIS A 181 -20.24 -1.84 4.41
CA HIS A 181 -19.65 -3.12 4.06
C HIS A 181 -20.05 -4.24 5.00
N THR A 182 -20.16 -5.46 4.46
CA THR A 182 -20.56 -6.64 5.25
C THR A 182 -19.45 -7.69 5.40
N SER A 183 -18.34 -7.50 4.70
CA SER A 183 -17.14 -8.31 4.88
C SER A 183 -15.89 -7.44 4.97
N GLU A 184 -14.87 -7.92 5.66
CA GLU A 184 -13.61 -7.19 5.75
C GLU A 184 -12.96 -7.01 4.38
N GLY A 185 -12.05 -6.05 4.27
CA GLY A 185 -11.41 -5.77 3.01
C GLY A 185 -10.16 -4.92 3.16
N PHE A 186 -9.53 -4.60 2.03
CA PHE A 186 -8.24 -3.94 2.02
C PHE A 186 -8.20 -2.76 1.05
N GLY A 187 -9.30 -2.51 0.36
CA GLY A 187 -9.35 -1.42 -0.59
C GLY A 187 -9.77 -0.12 0.07
N LEU A 188 -8.88 0.87 0.03
CA LEU A 188 -9.11 2.14 0.71
C LEU A 188 -8.28 3.25 0.07
N GLY A 189 -8.90 4.39 -0.22
CA GLY A 189 -8.16 5.49 -0.79
C GLY A 189 -8.89 6.81 -0.72
N TRP A 190 -8.17 7.86 -0.38
CA TRP A 190 -8.71 9.21 -0.35
C TRP A 190 -8.72 9.87 -1.73
N ASN A 191 -9.65 10.79 -1.90
CA ASN A 191 -9.71 11.67 -3.05
C ASN A 191 -8.70 12.81 -2.87
N PHE A 192 -7.86 13.03 -3.88
CA PHE A 192 -6.79 14.05 -3.78
C PHE A 192 -7.27 15.46 -4.15
N ILE A 193 -8.40 15.57 -4.83
CA ILE A 193 -8.94 16.84 -5.27
C ILE A 193 -10.08 17.33 -4.36
N GLN A 194 -10.99 16.42 -4.05
CA GLN A 194 -12.15 16.74 -3.25
C GLN A 194 -11.94 16.29 -1.80
N GLU A 195 -11.46 17.22 -0.97
CA GLU A 195 -11.15 16.95 0.43
C GLU A 195 -12.31 16.33 1.18
N GLY A 196 -12.04 15.22 1.87
CA GLY A 196 -13.06 14.58 2.67
C GLY A 196 -13.76 13.42 2.00
N THR A 197 -13.53 13.26 0.70
CA THR A 197 -14.11 12.13 -0.02
C THR A 197 -13.13 10.96 -0.07
N LEU A 198 -13.61 9.73 0.14
CA LEU A 198 -12.75 8.55 0.08
C LEU A 198 -13.54 7.35 -0.43
N ALA A 199 -12.84 6.26 -0.73
CA ALA A 199 -13.52 5.06 -1.22
C ALA A 199 -12.98 3.81 -0.56
N THR A 200 -13.85 2.80 -0.45
CA THR A 200 -13.46 1.50 0.08
C THR A 200 -14.00 0.35 -0.78
N GLY A 201 -13.28 -0.77 -0.78
CA GLY A 201 -13.68 -1.98 -1.46
C GLY A 201 -13.27 -3.16 -0.61
N THR A 202 -14.14 -4.16 -0.49
CA THR A 202 -13.86 -5.30 0.37
C THR A 202 -14.21 -6.63 -0.27
N GLU A 203 -14.19 -7.66 0.56
CA GLU A 203 -14.57 -9.01 0.15
C GLU A 203 -16.07 -9.15 -0.21
N ASP A 204 -16.91 -8.17 0.16
CA ASP A 204 -18.31 -8.28 -0.21
C ASP A 204 -18.52 -7.85 -1.66
N THR A 205 -17.41 -7.50 -2.34
CA THR A 205 -17.35 -7.17 -3.78
C THR A 205 -17.92 -5.79 -4.14
N SER A 206 -18.41 -5.04 -3.15
CA SER A 206 -18.91 -3.70 -3.44
C SER A 206 -17.81 -2.65 -3.29
N ILE A 207 -18.11 -1.44 -3.75
CA ILE A 207 -17.25 -0.29 -3.60
C ILE A 207 -18.10 0.83 -3.02
N CYS A 208 -17.68 1.41 -1.90
CA CYS A 208 -18.43 2.51 -1.35
C CYS A 208 -17.67 3.81 -1.51
N VAL A 209 -18.38 4.88 -1.82
CA VAL A 209 -17.77 6.21 -1.82
C VAL A 209 -18.38 6.99 -0.66
N TRP A 210 -17.51 7.63 0.11
CA TRP A 210 -17.89 8.27 1.35
C TRP A 210 -17.54 9.75 1.31
N ASP A 211 -18.22 10.54 2.11
CA ASP A 211 -17.91 11.96 2.19
C ASP A 211 -18.02 12.43 3.64
N ILE A 212 -16.91 12.88 4.22
CA ILE A 212 -16.92 13.27 5.63
C ILE A 212 -16.65 14.75 5.82
N LYS A 213 -16.47 15.47 4.71
CA LYS A 213 -16.35 16.94 4.73
C LYS A 213 -17.46 17.59 5.57
N GLY A 214 -17.06 18.38 6.57
CA GLY A 214 -18.04 19.11 7.36
C GLY A 214 -18.69 18.36 8.52
N LYS A 215 -18.49 17.05 8.60
CA LYS A 215 -19.05 16.29 9.72
C LYS A 215 -18.20 16.52 10.97
N SER A 216 -18.82 17.06 12.03
CA SER A 216 -18.07 17.38 13.26
C SER A 216 -17.65 16.13 13.98
N LEU A 217 -16.36 16.06 14.31
CA LEU A 217 -15.83 14.93 15.05
C LEU A 217 -15.49 15.40 16.45
N SER A 218 -15.74 14.56 17.45
CA SER A 218 -15.39 14.91 18.82
C SER A 218 -15.23 13.67 19.68
N LEU A 219 -14.67 13.85 20.87
CA LEU A 219 -14.44 12.74 21.78
C LEU A 219 -15.70 12.34 22.53
N GLU A 220 -16.76 13.12 22.36
CA GLU A 220 -18.02 12.81 23.02
C GLU A 220 -18.56 11.43 22.62
N LYS A 221 -18.42 11.10 21.34
CA LYS A 221 -18.92 9.83 20.78
C LYS A 221 -18.54 9.70 19.29
N SER A 222 -18.64 8.48 18.77
CA SER A 222 -18.44 8.25 17.34
C SER A 222 -19.74 8.53 16.58
N ILE A 223 -19.66 9.15 15.41
CA ILE A 223 -20.84 9.25 14.56
C ILE A 223 -20.88 8.14 13.51
N ASP A 224 -22.09 7.74 13.11
CA ASP A 224 -22.27 6.81 11.99
C ASP A 224 -22.35 7.56 10.66
N VAL A 225 -21.74 6.99 9.62
CA VAL A 225 -21.74 7.61 8.32
C VAL A 225 -22.21 6.59 7.29
N ALA A 226 -23.07 7.04 6.39
CA ALA A 226 -23.60 6.21 5.32
C ALA A 226 -22.89 6.59 4.03
N PRO A 227 -22.78 5.65 3.09
CA PRO A 227 -22.07 6.03 1.87
C PRO A 227 -22.86 6.99 1.01
N VAL A 228 -22.15 7.79 0.22
CA VAL A 228 -22.74 8.65 -0.79
C VAL A 228 -23.09 7.83 -2.05
N SER A 229 -22.25 6.86 -2.40
CA SER A 229 -22.55 5.94 -3.50
C SER A 229 -22.08 4.53 -3.14
N VAL A 230 -22.76 3.52 -3.66
CA VAL A 230 -22.17 2.19 -3.60
C VAL A 230 -22.33 1.51 -4.95
N TYR A 231 -21.22 0.96 -5.44
CA TYR A 231 -21.17 0.35 -6.76
C TYR A 231 -21.02 -1.16 -6.64
N HIS A 232 -21.82 -1.87 -7.42
CA HIS A 232 -21.69 -3.31 -7.51
C HIS A 232 -21.24 -3.71 -8.92
N ARG A 233 -19.93 -3.72 -9.15
CA ARG A 233 -19.40 -3.91 -10.50
C ARG A 233 -18.34 -5.02 -10.55
N HIS A 234 -18.14 -5.68 -9.42
CA HIS A 234 -17.19 -6.77 -9.38
C HIS A 234 -17.89 -8.05 -8.96
N THR A 235 -17.31 -9.19 -9.33
CA THR A 235 -17.95 -10.47 -9.06
C THR A 235 -17.14 -11.27 -8.03
N ALA A 236 -16.11 -10.63 -7.48
CA ALA A 236 -15.34 -11.20 -6.38
C ALA A 236 -14.70 -10.06 -5.60
N VAL A 237 -13.96 -10.38 -4.54
CA VAL A 237 -13.37 -9.35 -3.66
C VAL A 237 -12.67 -8.21 -4.43
N VAL A 238 -12.96 -6.98 -4.02
CA VAL A 238 -12.20 -5.83 -4.52
C VAL A 238 -10.93 -5.68 -3.70
N ASN A 239 -9.79 -5.96 -4.31
CA ASN A 239 -8.52 -6.04 -3.60
C ASN A 239 -7.86 -4.67 -3.31
N ASP A 240 -8.10 -3.70 -4.18
CA ASP A 240 -7.35 -2.45 -4.13
C ASP A 240 -8.08 -1.44 -5.00
N LEU A 241 -7.94 -0.16 -4.67
CA LEU A 241 -8.57 0.91 -5.43
C LEU A 241 -7.82 2.22 -5.20
N GLN A 242 -7.90 3.16 -6.15
CA GLN A 242 -7.19 4.42 -6.03
C GLN A 242 -7.88 5.54 -6.81
N PHE A 243 -7.93 6.73 -6.22
CA PHE A 243 -8.37 7.92 -6.92
C PHE A 243 -7.22 8.48 -7.73
N HIS A 244 -7.54 9.08 -8.87
CA HIS A 244 -6.53 9.74 -9.70
C HIS A 244 -6.00 11.00 -9.02
N LEU A 245 -4.70 11.26 -9.16
CA LEU A 245 -4.08 12.43 -8.55
C LEU A 245 -4.61 13.75 -9.09
N GLN A 246 -5.11 13.76 -10.32
CA GLN A 246 -5.48 15.03 -10.96
C GLN A 246 -6.92 15.08 -11.36
N HIS A 247 -7.75 14.15 -10.88
CA HIS A 247 -9.15 14.17 -11.25
C HIS A 247 -10.10 13.77 -10.12
N GLU A 248 -10.97 14.71 -9.80
CA GLU A 248 -12.00 14.60 -8.79
C GLU A 248 -12.83 13.30 -8.81
N ALA A 249 -13.08 12.75 -10.00
CA ALA A 249 -14.09 11.71 -10.11
C ALA A 249 -13.60 10.41 -10.74
N LEU A 250 -12.29 10.29 -10.92
CA LEU A 250 -11.76 9.11 -11.57
C LEU A 250 -11.20 8.14 -10.54
N LEU A 251 -11.91 7.02 -10.39
CA LEU A 251 -11.55 6.00 -9.43
C LEU A 251 -11.25 4.70 -10.16
N THR A 252 -10.12 4.06 -9.84
CA THR A 252 -9.83 2.76 -10.43
C THR A 252 -9.89 1.63 -9.38
N SER A 253 -10.29 0.44 -9.81
CA SER A 253 -10.34 -0.72 -8.90
C SER A 253 -9.89 -1.98 -9.60
N VAL A 254 -9.39 -2.94 -8.82
CA VAL A 254 -9.00 -4.24 -9.31
C VAL A 254 -9.51 -5.30 -8.33
N SER A 255 -9.66 -6.53 -8.83
CA SER A 255 -10.43 -7.56 -8.14
C SER A 255 -9.90 -8.98 -8.39
N ASP A 256 -10.24 -9.91 -7.51
CA ASP A 256 -10.04 -11.34 -7.76
C ASP A 256 -10.74 -11.79 -9.05
N ASP A 257 -11.70 -11.02 -9.54
CA ASP A 257 -12.44 -11.42 -10.74
C ASP A 257 -11.66 -11.12 -12.02
N CYS A 258 -10.40 -10.70 -11.83
CA CYS A 258 -9.42 -10.45 -12.92
C CYS A 258 -9.59 -9.14 -13.68
N THR A 259 -10.55 -8.30 -13.30
CA THR A 259 -10.76 -7.06 -14.07
C THR A 259 -10.09 -5.82 -13.48
N LEU A 260 -9.84 -4.86 -14.37
CA LEU A 260 -9.35 -3.53 -14.04
C LEU A 260 -10.45 -2.60 -14.47
N GLN A 261 -10.97 -1.79 -13.58
CA GLN A 261 -12.12 -0.95 -13.96
C GLN A 261 -11.87 0.51 -13.61
N ILE A 262 -12.48 1.39 -14.40
CA ILE A 262 -12.40 2.82 -14.17
C ILE A 262 -13.81 3.30 -13.89
N HIS A 263 -13.98 4.01 -12.78
CA HIS A 263 -15.29 4.47 -12.41
C HIS A 263 -15.32 5.98 -12.43
N ASP A 264 -16.45 6.53 -12.88
CA ASP A 264 -16.74 7.96 -12.79
C ASP A 264 -17.69 8.21 -11.62
N THR A 265 -17.17 8.76 -10.52
CA THR A 265 -17.96 8.86 -9.29
C THR A 265 -19.06 9.91 -9.35
N ARG A 266 -19.14 10.65 -10.46
CA ARG A 266 -20.22 11.61 -10.66
C ARG A 266 -21.50 10.92 -11.13
N LEU A 267 -21.37 9.69 -11.62
CA LEU A 267 -22.50 8.96 -12.16
C LEU A 267 -23.12 8.06 -11.08
N PRO A 268 -24.43 7.85 -11.12
CA PRO A 268 -25.07 6.99 -10.12
C PRO A 268 -24.71 5.52 -10.37
N SER A 269 -25.13 4.61 -9.49
CA SER A 269 -24.69 3.21 -9.59
C SER A 269 -25.47 2.42 -10.65
N SER A 270 -26.55 3.00 -11.14
CA SER A 270 -27.29 2.41 -12.24
C SER A 270 -26.40 2.43 -13.50
N SER A 271 -25.51 3.41 -13.56
CA SER A 271 -24.58 3.53 -14.67
C SER A 271 -23.57 2.39 -14.65
N SER A 272 -22.84 2.26 -15.75
CA SER A 272 -21.81 1.25 -15.87
C SER A 272 -20.45 1.82 -15.53
N ALA A 273 -19.47 0.95 -15.30
CA ALA A 273 -18.08 1.38 -15.24
C ALA A 273 -17.75 2.12 -16.54
N SER A 274 -17.03 3.23 -16.45
CA SER A 274 -16.54 3.94 -17.63
C SER A 274 -15.62 3.07 -18.49
N GLN A 275 -14.82 2.25 -17.84
CA GLN A 275 -13.94 1.32 -18.55
C GLN A 275 -13.85 0.05 -17.74
N CYS A 276 -13.81 -1.10 -18.41
CA CYS A 276 -13.67 -2.37 -17.74
C CYS A 276 -13.02 -3.39 -18.66
N VAL A 277 -11.83 -3.84 -18.32
CA VAL A 277 -11.17 -4.85 -19.13
C VAL A 277 -10.69 -5.98 -18.23
N LYS A 278 -10.50 -7.15 -18.83
CA LYS A 278 -9.78 -8.22 -18.16
C LYS A 278 -8.29 -7.85 -18.22
N ALA A 279 -7.67 -7.68 -17.06
CA ALA A 279 -6.28 -7.23 -17.00
C ALA A 279 -5.31 -8.40 -16.96
N HIS A 280 -5.67 -9.45 -16.21
CA HIS A 280 -4.84 -10.65 -16.14
C HIS A 280 -5.73 -11.90 -16.24
N GLU A 281 -5.12 -13.09 -16.30
CA GLU A 281 -5.89 -14.32 -16.30
C GLU A 281 -6.17 -14.77 -14.88
N GLN A 282 -5.49 -14.14 -13.92
CA GLN A 282 -5.58 -14.51 -12.51
C GLN A 282 -5.88 -13.26 -11.69
N PRO A 283 -6.29 -13.42 -10.41
CA PRO A 283 -6.61 -12.28 -9.54
C PRO A 283 -5.63 -11.09 -9.62
N VAL A 284 -6.20 -9.89 -9.63
CA VAL A 284 -5.41 -8.68 -9.62
C VAL A 284 -5.40 -8.09 -8.22
N ASN A 285 -4.20 -8.00 -7.62
CA ASN A 285 -4.06 -7.64 -6.20
C ASN A 285 -3.83 -6.17 -5.90
N GLY A 286 -3.22 -5.44 -6.82
CA GLY A 286 -2.93 -4.04 -6.57
C GLY A 286 -3.00 -3.21 -7.84
N VAL A 287 -3.18 -1.90 -7.65
CA VAL A 287 -3.27 -0.97 -8.77
C VAL A 287 -2.70 0.37 -8.31
N ALA A 288 -2.03 1.08 -9.21
CA ALA A 288 -1.39 2.33 -8.85
C ALA A 288 -1.22 3.24 -10.06
N PHE A 289 -1.70 4.47 -9.91
CA PHE A 289 -1.48 5.53 -10.89
C PHE A 289 -0.11 6.16 -10.72
N ASN A 290 0.54 6.44 -11.84
CA ASN A 290 1.82 7.15 -11.83
C ASN A 290 1.55 8.62 -11.55
N PRO A 291 2.27 9.19 -10.57
CA PRO A 291 2.02 10.58 -10.13
C PRO A 291 2.57 11.66 -11.09
N PHE A 292 3.32 11.27 -12.12
CA PHE A 292 3.83 12.24 -13.09
C PHE A 292 3.10 12.15 -14.43
N ASN A 293 2.73 10.93 -14.79
CA ASN A 293 2.14 10.63 -16.07
C ASN A 293 0.68 10.22 -15.87
N ASP A 294 -0.22 11.16 -16.15
CA ASP A 294 -1.64 11.02 -15.82
C ASP A 294 -2.35 9.87 -16.54
N TYR A 295 -1.71 9.25 -17.52
CA TYR A 295 -2.34 8.15 -18.26
C TYR A 295 -1.74 6.79 -17.91
N LEU A 296 -0.64 6.79 -17.17
CA LEU A 296 0.04 5.53 -16.86
C LEU A 296 -0.44 4.93 -15.54
N LEU A 297 -0.62 3.60 -15.52
CA LEU A 297 -0.89 2.87 -14.28
C LEU A 297 -0.34 1.44 -14.32
N ALA A 298 -0.30 0.78 -13.16
CA ALA A 298 0.24 -0.57 -13.06
C ALA A 298 -0.71 -1.46 -12.30
N THR A 299 -0.72 -2.75 -12.66
CA THR A 299 -1.47 -3.76 -11.92
C THR A 299 -0.53 -4.87 -11.47
N ALA A 300 -0.75 -5.34 -10.24
CA ALA A 300 -0.01 -6.48 -9.70
C ALA A 300 -0.95 -7.67 -9.64
N SER A 301 -0.50 -8.81 -10.16
CA SER A 301 -1.39 -9.96 -10.29
C SER A 301 -0.86 -11.17 -9.59
N ALA A 302 -1.78 -12.09 -9.27
CA ALA A 302 -1.43 -13.42 -8.77
C ALA A 302 -0.65 -14.26 -9.80
N ASP A 303 -0.62 -13.82 -11.06
CA ASP A 303 0.11 -14.54 -12.10
C ASP A 303 1.61 -14.24 -12.07
N HIS A 304 2.08 -13.68 -10.95
CA HIS A 304 3.50 -13.35 -10.72
C HIS A 304 3.99 -12.13 -11.53
N THR A 305 3.08 -11.42 -12.20
CA THR A 305 3.56 -10.31 -13.01
C THR A 305 2.98 -8.97 -12.61
N VAL A 306 3.65 -7.93 -13.08
CA VAL A 306 3.08 -6.59 -13.04
C VAL A 306 2.88 -6.12 -14.47
N ALA A 307 1.66 -5.69 -14.79
CA ALA A 307 1.36 -5.17 -16.12
C ALA A 307 1.24 -3.66 -16.09
N LEU A 308 1.78 -3.00 -17.11
CA LEU A 308 1.68 -1.53 -17.24
C LEU A 308 0.61 -1.18 -18.27
N TRP A 309 -0.14 -0.10 -18.03
CA TRP A 309 -1.25 0.26 -18.88
C TRP A 309 -1.32 1.76 -19.12
N ASP A 310 -1.82 2.13 -20.29
CA ASP A 310 -2.19 3.50 -20.56
C ASP A 310 -3.72 3.56 -20.65
N LEU A 311 -4.34 4.55 -20.00
CA LEU A 311 -5.79 4.69 -19.97
C LEU A 311 -6.42 4.83 -21.35
N ARG A 312 -5.62 5.22 -22.32
CA ARG A 312 -6.15 5.50 -23.66
C ARG A 312 -6.16 4.25 -24.52
N ARG A 313 -5.64 3.15 -23.96
CA ARG A 313 -5.57 1.87 -24.67
C ARG A 313 -5.60 0.67 -23.72
N LEU A 314 -6.63 0.56 -22.90
CA LEU A 314 -6.71 -0.53 -21.93
C LEU A 314 -6.95 -1.91 -22.56
N ASN A 315 -7.26 -1.92 -23.84
CA ASN A 315 -7.48 -3.18 -24.55
C ASN A 315 -6.16 -3.87 -24.90
N GLN A 316 -5.06 -3.18 -24.66
CA GLN A 316 -3.75 -3.74 -24.97
C GLN A 316 -2.69 -3.17 -24.03
N ARG A 317 -2.21 -4.05 -23.16
CA ARG A 317 -1.18 -3.79 -22.19
C ARG A 317 0.08 -3.12 -22.80
N LEU A 318 0.72 -2.19 -22.08
CA LEU A 318 1.97 -1.58 -22.55
C LEU A 318 3.15 -2.54 -22.46
N HIS A 319 3.28 -3.21 -21.33
CA HIS A 319 4.49 -3.98 -21.05
C HIS A 319 4.19 -4.92 -19.90
N THR A 320 5.04 -5.93 -19.73
CA THR A 320 4.90 -6.86 -18.62
C THR A 320 6.21 -6.97 -17.85
N LEU A 321 6.18 -6.65 -16.56
CA LEU A 321 7.36 -6.79 -15.72
C LEU A 321 7.40 -8.20 -15.14
N GLU A 322 8.44 -8.96 -15.48
CA GLU A 322 8.59 -10.31 -14.92
C GLU A 322 9.82 -10.39 -14.02
N GLY A 323 9.76 -11.27 -13.03
CA GLY A 323 10.89 -11.46 -12.14
C GLY A 323 10.48 -11.95 -10.78
N HIS A 324 9.23 -11.72 -10.40
CA HIS A 324 8.72 -12.30 -9.17
C HIS A 324 8.40 -13.79 -9.37
N GLU A 325 8.47 -14.53 -8.27
CA GLU A 325 8.36 -15.98 -8.31
C GLU A 325 7.02 -16.47 -7.79
N ASP A 326 6.17 -15.54 -7.39
CA ASP A 326 4.89 -15.86 -6.76
C ASP A 326 3.96 -14.66 -6.96
N GLU A 327 2.75 -14.74 -6.38
CA GLU A 327 1.79 -13.63 -6.45
C GLU A 327 2.44 -12.29 -6.13
N VAL A 328 2.16 -11.32 -6.99
CA VAL A 328 2.54 -9.95 -6.69
C VAL A 328 1.36 -9.27 -6.02
N TYR A 329 1.66 -8.56 -4.93
CA TYR A 329 0.64 -7.95 -4.10
C TYR A 329 0.65 -6.42 -4.18
N ASN A 330 1.74 -5.80 -3.74
CA ASN A 330 1.79 -4.36 -3.67
C ASN A 330 2.45 -3.78 -4.92
N VAL A 331 2.02 -2.59 -5.31
CA VAL A 331 2.65 -1.87 -6.39
C VAL A 331 2.59 -0.38 -6.03
N GLN A 332 3.73 0.30 -6.02
CA GLN A 332 3.76 1.72 -5.66
C GLN A 332 4.78 2.48 -6.48
N TRP A 333 4.32 3.56 -7.11
CA TRP A 333 5.21 4.41 -7.89
C TRP A 333 6.07 5.27 -6.97
N SER A 334 7.33 5.48 -7.32
CA SER A 334 8.13 6.46 -6.58
C SER A 334 7.47 7.85 -6.69
N PRO A 335 7.36 8.57 -5.56
CA PRO A 335 6.85 9.95 -5.68
C PRO A 335 7.90 10.95 -6.19
N HIS A 336 9.14 10.49 -6.41
CA HIS A 336 10.22 11.37 -6.82
C HIS A 336 10.70 11.18 -8.26
N ASP A 337 10.49 9.98 -8.82
CA ASP A 337 11.04 9.66 -10.15
C ASP A 337 10.03 8.91 -11.01
N GLU A 338 9.56 9.56 -12.06
CA GLU A 338 8.51 9.00 -12.91
C GLU A 338 8.71 7.53 -13.35
N PRO A 339 9.90 7.13 -13.79
CA PRO A 339 9.95 5.76 -14.29
C PRO A 339 10.18 4.67 -13.23
N ILE A 340 10.18 5.04 -11.95
CA ILE A 340 10.54 4.12 -10.89
C ILE A 340 9.30 3.65 -10.14
N LEU A 341 9.14 2.33 -10.02
CA LEU A 341 8.10 1.76 -9.16
C LEU A 341 8.63 0.56 -8.38
N VAL A 342 7.91 0.22 -7.31
CA VAL A 342 8.32 -0.84 -6.42
C VAL A 342 7.16 -1.85 -6.29
N THR A 343 7.49 -3.13 -6.20
CA THR A 343 6.49 -4.18 -6.05
C THR A 343 6.91 -5.15 -4.95
N SER A 344 5.95 -5.92 -4.45
CA SER A 344 6.18 -6.85 -3.35
C SER A 344 5.44 -8.13 -3.65
N SER A 345 5.94 -9.24 -3.15
CA SER A 345 5.42 -10.52 -3.54
C SER A 345 5.43 -11.54 -2.40
N THR A 346 4.64 -12.59 -2.58
CA THR A 346 4.66 -13.74 -1.69
C THR A 346 6.02 -14.46 -1.77
N ASP A 347 6.79 -14.21 -2.83
CA ASP A 347 8.13 -14.78 -2.95
C ASP A 347 9.11 -14.15 -1.95
N ARG A 348 8.59 -13.23 -1.12
CA ARG A 348 9.32 -12.60 -0.01
C ARG A 348 10.30 -11.52 -0.48
N ARG A 349 10.20 -11.12 -1.74
CA ARG A 349 11.09 -10.11 -2.30
C ARG A 349 10.37 -8.78 -2.55
N VAL A 350 11.13 -7.69 -2.46
CA VAL A 350 10.65 -6.38 -2.92
C VAL A 350 11.51 -5.96 -4.12
N CYS A 351 10.91 -5.82 -5.29
CA CYS A 351 11.64 -5.42 -6.48
C CYS A 351 11.43 -3.95 -6.80
N VAL A 352 12.52 -3.25 -7.13
CA VAL A 352 12.44 -1.89 -7.63
C VAL A 352 12.69 -1.91 -9.13
N TRP A 353 11.80 -1.29 -9.90
CA TRP A 353 11.88 -1.32 -11.36
C TRP A 353 12.16 0.06 -11.93
N ASP A 354 12.90 0.08 -13.03
CA ASP A 354 13.22 1.32 -13.76
C ASP A 354 12.71 1.20 -15.20
N LEU A 355 11.56 1.78 -15.47
CA LEU A 355 10.94 1.63 -16.79
C LEU A 355 11.78 2.23 -17.93
N SER A 356 12.74 3.07 -17.60
CA SER A 356 13.51 3.76 -18.64
C SER A 356 14.55 2.83 -19.22
N LYS A 357 14.75 1.68 -18.57
CA LYS A 357 15.69 0.68 -19.05
C LYS A 357 15.00 -0.42 -19.86
N ILE A 358 13.71 -0.24 -20.13
CA ILE A 358 12.97 -1.24 -20.90
C ILE A 358 13.55 -1.32 -22.30
N GLY A 359 13.81 -2.53 -22.76
CA GLY A 359 14.31 -2.73 -24.11
C GLY A 359 15.81 -2.52 -24.29
N GLU A 360 16.51 -2.17 -23.21
CA GLU A 360 17.96 -2.05 -23.28
C GLU A 360 18.58 -3.41 -23.56
N GLU A 361 19.67 -3.38 -24.33
CA GLU A 361 20.31 -4.60 -24.78
C GLU A 361 21.10 -5.25 -23.66
N GLN A 362 21.15 -6.57 -23.69
CA GLN A 362 21.78 -7.32 -22.62
C GLN A 362 22.65 -8.46 -23.13
N THR A 363 23.93 -8.41 -22.78
CA THR A 363 24.78 -9.58 -22.91
C THR A 363 24.16 -10.67 -22.04
N VAL A 364 23.95 -11.85 -22.60
CA VAL A 364 23.34 -12.97 -21.88
C VAL A 364 23.98 -13.19 -20.48
N GLU A 365 25.18 -12.64 -20.32
CA GLU A 365 25.86 -12.54 -19.03
C GLU A 365 25.08 -11.68 -18.03
N ASP A 366 24.03 -11.02 -18.50
CA ASP A 366 23.14 -10.25 -17.64
C ASP A 366 21.67 -10.60 -17.92
N SER A 367 21.42 -11.21 -19.06
CA SER A 367 20.09 -11.75 -19.36
C SER A 367 19.80 -12.93 -18.44
N GLU A 368 20.84 -13.38 -17.74
CA GLU A 368 20.75 -14.49 -16.80
C GLU A 368 20.16 -14.07 -15.45
N ASP A 369 20.39 -12.82 -15.06
CA ASP A 369 20.04 -12.37 -13.71
C ASP A 369 18.93 -11.32 -13.65
N GLY A 370 18.17 -11.15 -14.73
CA GLY A 370 17.02 -10.27 -14.70
C GLY A 370 16.78 -9.37 -15.89
N ALA A 371 15.52 -8.97 -16.08
CA ALA A 371 15.15 -7.99 -17.09
C ALA A 371 15.95 -6.71 -16.87
N PRO A 372 16.28 -5.99 -17.97
CA PRO A 372 17.06 -4.76 -17.81
C PRO A 372 16.36 -3.75 -16.90
N GLU A 373 15.04 -3.76 -16.91
CA GLU A 373 14.26 -2.80 -16.12
C GLU A 373 14.23 -3.17 -14.62
N LEU A 374 14.77 -4.34 -14.25
CA LEU A 374 14.83 -4.72 -12.82
C LEU A 374 16.08 -4.16 -12.14
N MET A 375 15.89 -3.06 -11.43
CA MET A 375 16.99 -2.26 -10.93
C MET A 375 17.57 -2.73 -9.59
N PHE A 376 16.71 -3.29 -8.73
CA PHE A 376 17.11 -3.67 -7.37
C PHE A 376 16.15 -4.67 -6.76
N MET A 377 16.70 -5.64 -6.04
CA MET A 377 15.88 -6.57 -5.30
C MET A 377 16.22 -6.50 -3.83
N HIS A 378 15.20 -6.29 -3.02
CA HIS A 378 15.36 -6.31 -1.58
C HIS A 378 15.05 -7.70 -1.03
N GLY A 379 16.05 -8.38 -0.49
CA GLY A 379 15.90 -9.73 0.03
C GLY A 379 15.88 -9.82 1.56
N GLY A 380 15.62 -8.70 2.23
CA GLY A 380 15.64 -8.67 3.68
C GLY A 380 14.46 -9.29 4.43
N HIS A 381 13.35 -9.55 3.74
CA HIS A 381 12.21 -10.16 4.42
C HIS A 381 12.25 -11.67 4.33
N THR A 382 11.87 -12.32 5.43
CA THR A 382 11.91 -13.78 5.53
C THR A 382 10.49 -14.34 5.47
N ASN A 383 9.57 -13.50 5.02
CA ASN A 383 8.20 -13.90 4.85
C ASN A 383 7.50 -13.02 3.85
N ARG A 384 6.27 -13.39 3.52
CA ARG A 384 5.45 -12.64 2.60
C ARG A 384 5.38 -11.18 2.98
N VAL A 385 5.54 -10.31 2.00
CA VAL A 385 5.48 -8.88 2.23
C VAL A 385 4.04 -8.38 2.22
N SER A 386 3.60 -7.74 3.31
CA SER A 386 2.21 -7.29 3.48
C SER A 386 1.89 -5.93 2.87
N ASP A 387 2.80 -4.97 3.02
CA ASP A 387 2.58 -3.59 2.57
C ASP A 387 3.93 -2.89 2.45
N LEU A 388 3.95 -1.77 1.72
CA LEU A 388 5.15 -0.96 1.63
C LEU A 388 4.80 0.47 1.29
N SER A 389 5.74 1.37 1.55
CA SER A 389 5.49 2.79 1.38
C SER A 389 6.76 3.52 1.01
N TRP A 390 6.72 4.29 -0.07
CA TRP A 390 7.80 5.25 -0.36
C TRP A 390 7.79 6.40 0.63
N ASN A 391 8.95 6.72 1.18
CA ASN A 391 9.12 7.93 1.99
C ASN A 391 9.10 9.16 1.07
N PRO A 392 8.15 10.08 1.27
CA PRO A 392 8.05 11.26 0.40
C PRO A 392 9.02 12.38 0.78
N ASN A 393 9.67 12.24 1.93
CA ASN A 393 10.54 13.26 2.49
C ASN A 393 11.99 13.12 2.07
N ASN A 394 12.45 11.88 1.90
CA ASN A 394 13.83 11.59 1.52
C ASN A 394 13.87 10.81 0.22
N LYS A 395 14.91 11.04 -0.58
CA LYS A 395 15.11 10.25 -1.78
C LYS A 395 15.40 8.80 -1.41
N TRP A 396 14.77 7.87 -2.13
CA TRP A 396 15.14 6.45 -2.06
C TRP A 396 15.08 5.82 -0.69
N VAL A 397 14.09 6.20 0.11
CA VAL A 397 13.88 5.51 1.37
C VAL A 397 12.54 4.78 1.34
N LEU A 398 12.53 3.49 1.69
CA LEU A 398 11.29 2.72 1.67
C LEU A 398 11.03 2.07 3.01
N ALA A 399 9.76 1.90 3.32
CA ALA A 399 9.35 1.08 4.44
C ALA A 399 8.62 -0.14 3.88
N SER A 400 8.89 -1.31 4.45
CA SER A 400 8.17 -2.52 4.04
C SER A 400 7.91 -3.43 5.23
N LEU A 401 6.77 -4.11 5.18
CA LEU A 401 6.29 -5.00 6.24
C LEU A 401 6.14 -6.41 5.74
N ALA A 402 6.40 -7.38 6.61
CA ALA A 402 6.18 -8.77 6.26
C ALA A 402 5.36 -9.44 7.34
N ASP A 403 4.86 -10.64 7.05
CA ASP A 403 3.92 -11.37 7.92
C ASP A 403 4.50 -11.82 9.26
N ASP A 404 5.82 -11.78 9.39
CA ASP A 404 6.47 -12.24 10.61
C ASP A 404 6.81 -11.11 11.59
N ASN A 405 5.96 -10.08 11.65
CA ASN A 405 6.13 -8.98 12.61
C ASN A 405 7.35 -8.07 12.35
N ILE A 406 7.92 -8.15 11.15
CA ILE A 406 9.10 -7.35 10.84
C ILE A 406 8.78 -6.13 10.01
N LEU A 407 9.17 -4.96 10.51
CA LEU A 407 9.17 -3.74 9.73
C LEU A 407 10.60 -3.40 9.30
N GLN A 408 10.80 -3.14 8.02
CA GLN A 408 12.12 -2.74 7.55
C GLN A 408 12.07 -1.39 6.85
N ILE A 409 13.04 -0.56 7.19
CA ILE A 409 13.22 0.74 6.58
C ILE A 409 14.59 0.73 5.90
N TRP A 410 14.60 0.85 4.59
CA TRP A 410 15.83 0.67 3.85
C TRP A 410 16.00 1.62 2.67
N SER A 411 17.25 1.80 2.26
CA SER A 411 17.59 2.64 1.14
C SER A 411 18.62 1.92 0.29
N PRO A 412 18.30 1.63 -0.98
CA PRO A 412 19.33 0.98 -1.79
C PRO A 412 20.51 1.92 -2.03
N SER A 413 21.69 1.35 -2.22
CA SER A 413 22.91 2.14 -2.37
C SER A 413 22.83 3.12 -3.54
N LYS A 414 23.24 4.37 -3.30
CA LYS A 414 23.34 5.37 -4.36
C LYS A 414 24.26 4.90 -5.49
N VAL A 415 25.22 4.04 -5.14
CA VAL A 415 26.09 3.41 -6.13
C VAL A 415 25.23 2.68 -7.15
N ILE A 416 24.05 2.21 -6.73
CA ILE A 416 23.18 1.50 -7.65
C ILE A 416 22.15 2.41 -8.34
N TRP A 417 21.49 3.32 -7.62
CA TRP A 417 20.42 4.08 -8.25
C TRP A 417 20.94 5.31 -8.98
N ALA A 418 22.18 5.69 -8.71
CA ALA A 418 22.82 6.78 -9.45
C ALA A 418 23.90 6.25 -10.38
#